data_4BXE
#
_entry.id   4BXE
#
_cell.length_a   100.940
_cell.length_b   100.940
_cell.length_c   165.250
_cell.angle_alpha   90.00
_cell.angle_beta   90.00
_cell.angle_gamma   90.00
#
_symmetry.space_group_name_H-M   'P 41 21 2'
#
loop_
_entity.id
_entity.type
_entity.pdbx_description
1 polymer AMPDH3
2 polymer 'ANHYDROMURAMIC PEPTIDE'
3 non-polymer 'ACETATE ION'
4 non-polymer DI(HYDROXYETHYL)ETHER
5 water water
#
loop_
_entity_poly.entity_id
_entity_poly.type
_entity_poly.pdbx_seq_one_letter_code
_entity_poly.pdbx_strand_id
1 'polypeptide(L)'
;MLTIDYNSYRTTTPYGKRVRFLVLHYTALDFAASVKALTTGAASAHYLIPAPHDPSYKAAGFKGQRIFNLVAEEDRAWHA
GVSGWARRDNLNDTSIGIEIVNLARDDDGVFTFPDYERSQINALKQLAKNILQRYPDMTPKNVVGHSDIAVGRKSDPGPK
LPWKELYEAGIGAWYDDATRDRYREGFERDGLPPRADLLEAFRLYGYALPATVDDAYFASLLRAFQMHFRPENYDGALDV
ETAAILYALNEKYPA
;
A,B
2 'polypeptide(L)' (AH0)A(DGL)(API)(DAL)(DAL) C,D
#
loop_
_chem_comp.id
_chem_comp.type
_chem_comp.name
_chem_comp.formula
ACT non-polymer 'ACETATE ION' 'C2 H3 O2 -1'
AH0 non-polymer '2-(2-ACETYLAMINO-4-HYDROXY-6,8-DIOXA-BICYCLO[3.2.1]OCT-3-YLOXY)-PROPIONIC ACID' 'C11 H17 N O7'
PEG non-polymer DI(HYDROXYETHYL)ETHER 'C4 H10 O3'
#
# COMPACT_ATOMS: atom_id res chain seq x y z
N MET A 1 -30.11 9.61 -12.20
CA MET A 1 -29.49 8.47 -12.87
C MET A 1 -28.24 8.89 -13.65
N LEU A 2 -27.23 8.02 -13.63
CA LEU A 2 -27.27 6.72 -12.96
C LEU A 2 -26.74 6.77 -11.54
N THR A 3 -27.49 6.25 -10.57
CA THR A 3 -27.01 6.26 -9.18
C THR A 3 -26.59 4.88 -8.65
N ILE A 4 -25.66 4.86 -7.71
CA ILE A 4 -25.01 3.60 -7.32
C ILE A 4 -25.81 2.75 -6.34
N ASP A 5 -25.96 1.46 -6.64
CA ASP A 5 -26.71 0.55 -5.78
C ASP A 5 -25.80 0.08 -4.67
N TYR A 6 -26.07 0.54 -3.45
CA TYR A 6 -25.24 0.24 -2.30
C TYR A 6 -25.86 -0.88 -1.48
N ASN A 7 -26.94 -1.46 -1.99
CA ASN A 7 -27.83 -2.29 -1.19
C ASN A 7 -28.13 -3.69 -1.70
N SER A 8 -27.90 -3.95 -2.98
CA SER A 8 -28.32 -5.24 -3.53
C SER A 8 -27.35 -6.34 -3.14
N TYR A 9 -26.06 -6.05 -3.06
CA TYR A 9 -25.11 -7.05 -2.64
C TYR A 9 -23.96 -6.40 -1.89
N ARG A 10 -23.49 -7.05 -0.83
CA ARG A 10 -22.29 -6.61 -0.15
C ARG A 10 -21.33 -7.78 -0.10
N THR A 11 -20.06 -7.50 -0.32
CA THR A 11 -19.02 -8.51 -0.11
C THR A 11 -18.91 -8.80 1.39
N THR A 12 -18.74 -10.09 1.73
CA THR A 12 -18.61 -10.53 3.13
C THR A 12 -17.23 -11.14 3.38
N THR A 13 -17.04 -12.40 3.00
CA THR A 13 -15.72 -13.04 3.17
C THR A 13 -14.55 -12.26 2.53
N PRO A 14 -14.50 -12.18 1.17
CA PRO A 14 -13.22 -11.79 0.58
C PRO A 14 -12.96 -10.27 0.47
N TYR A 15 -12.78 -9.61 1.62
CA TYR A 15 -12.33 -8.22 1.69
C TYR A 15 -11.70 -7.89 3.04
N GLY A 16 -11.11 -6.70 3.15
CA GLY A 16 -10.49 -6.26 4.39
C GLY A 16 -10.52 -4.75 4.52
N LYS A 17 -9.70 -4.22 5.44
CA LYS A 17 -9.48 -2.78 5.55
C LYS A 17 -8.13 -2.47 4.93
N ARG A 18 -7.88 -1.21 4.55
CA ARG A 18 -6.61 -0.86 3.93
C ARG A 18 -5.46 -0.87 4.94
N VAL A 19 -5.74 -0.34 6.13
CA VAL A 19 -4.79 -0.22 7.23
C VAL A 19 -4.56 -1.56 7.97
N ARG A 20 -3.28 -1.92 8.15
CA ARG A 20 -2.91 -3.13 8.89
C ARG A 20 -1.70 -2.93 9.82
N PHE A 21 -1.18 -1.69 9.89
CA PHE A 21 -0.03 -1.37 10.74
C PHE A 21 -0.28 -0.17 11.62
N LEU A 22 0.31 -0.17 12.81
CA LEU A 22 0.35 1.03 13.65
C LEU A 22 1.81 1.40 13.85
N VAL A 23 2.16 2.68 13.70
CA VAL A 23 3.57 3.10 13.85
C VAL A 23 3.77 4.20 14.89
N LEU A 24 4.73 4.04 15.77
CA LEU A 24 4.96 4.99 16.83
C LEU A 24 6.13 5.91 16.58
N HIS A 25 5.98 7.19 16.86
CA HIS A 25 7.06 8.16 16.76
C HIS A 25 7.23 9.06 17.95
N TYR A 26 8.40 9.68 18.05
CA TYR A 26 8.61 10.81 18.95
C TYR A 26 8.79 12.03 18.11
N THR A 27 8.34 13.16 18.61
CA THR A 27 8.26 14.35 17.84
C THR A 27 9.63 14.96 17.76
N ALA A 28 10.28 15.03 18.90
CA ALA A 28 11.62 15.55 19.04
C ALA A 28 11.64 17.04 19.10
N LEU A 29 10.51 17.65 19.39
CA LEU A 29 10.32 19.04 19.25
C LEU A 29 9.30 19.32 20.28
N ASP A 30 9.18 20.54 20.77
CA ASP A 30 8.14 20.87 21.76
C ASP A 30 6.76 20.82 21.09
N PHE A 31 5.71 21.11 21.85
CA PHE A 31 4.37 21.14 21.27
C PHE A 31 4.29 22.08 20.09
N ALA A 32 4.58 23.37 20.32
CA ALA A 32 4.40 24.40 19.30
C ALA A 32 5.06 23.99 17.99
N ALA A 33 6.34 23.67 18.07
CA ALA A 33 7.11 23.33 16.89
C ALA A 33 6.56 22.10 16.19
N SER A 34 6.12 21.12 16.97
CA SER A 34 5.65 19.87 16.41
C SER A 34 4.28 19.97 15.71
N VAL A 35 3.36 20.72 16.32
CA VAL A 35 2.04 20.92 15.74
C VAL A 35 2.15 21.76 14.49
N LYS A 36 2.91 22.84 14.58
CA LYS A 36 3.17 23.69 13.43
C LYS A 36 3.72 22.85 12.28
N ALA A 37 4.61 21.94 12.58
CA ALA A 37 5.10 21.05 11.57
C ALA A 37 4.01 20.23 10.99
N LEU A 38 3.51 19.29 11.77
CA LEU A 38 2.63 18.22 11.31
C LEU A 38 1.32 18.67 10.71
N THR A 39 0.95 19.91 10.93
CA THR A 39 -0.24 20.43 10.29
C THR A 39 0.05 21.11 8.97
N THR A 40 1.25 21.70 8.83
CA THR A 40 1.54 22.60 7.72
C THR A 40 2.87 22.34 7.01
N GLY A 41 3.74 21.57 7.63
CA GLY A 41 5.08 21.35 7.13
C GLY A 41 5.28 20.32 6.03
N ALA A 42 6.27 19.45 6.18
CA ALA A 42 6.61 18.45 5.15
C ALA A 42 6.37 17.00 5.62
N ALA A 43 5.74 16.87 6.78
CA ALA A 43 5.27 15.61 7.31
C ALA A 43 4.04 15.80 8.19
N SER A 44 3.26 14.74 8.38
CA SER A 44 2.09 14.70 9.27
C SER A 44 1.98 13.38 10.07
N ALA A 45 0.98 13.30 10.95
CA ALA A 45 0.61 12.06 11.64
C ALA A 45 -0.88 12.08 11.89
N HIS A 46 -1.51 10.91 11.89
CA HIS A 46 -2.91 10.80 12.22
C HIS A 46 -3.18 11.34 13.64
N TYR A 47 -2.33 10.94 14.59
CA TYR A 47 -2.57 11.25 16.00
C TYR A 47 -1.37 11.87 16.72
N LEU A 48 -1.66 12.81 17.61
CA LEU A 48 -0.63 13.54 18.35
C LEU A 48 -0.91 13.50 19.85
N ILE A 49 0.03 12.98 20.62
CA ILE A 49 -0.09 12.88 22.07
C ILE A 49 0.91 13.85 22.71
N PRO A 50 0.41 15.00 23.22
CA PRO A 50 1.26 16.03 23.84
C PRO A 50 1.78 15.65 25.23
N ALA A 51 2.84 16.33 25.66
CA ALA A 51 3.36 16.19 27.01
C ALA A 51 2.77 17.32 27.80
N PRO A 52 2.07 16.99 28.89
CA PRO A 52 1.27 18.01 29.57
C PRO A 52 2.12 19.07 30.29
N HIS A 53 3.42 18.83 30.40
CA HIS A 53 4.29 19.73 31.15
C HIS A 53 5.25 20.56 30.31
N ASP A 54 5.22 20.30 29.01
CA ASP A 54 5.93 21.11 28.03
C ASP A 54 5.26 22.50 27.97
N PRO A 55 5.99 23.55 28.42
CA PRO A 55 5.51 24.94 28.59
C PRO A 55 4.75 25.52 27.41
N SER A 56 5.09 25.12 26.19
CA SER A 56 4.39 25.63 25.02
C SER A 56 3.03 24.98 24.85
N TYR A 57 2.82 23.86 25.52
CA TYR A 57 1.51 23.23 25.52
C TYR A 57 0.58 24.00 26.48
N LYS A 58 1.11 24.34 27.65
CA LYS A 58 0.40 25.17 28.63
C LYS A 58 0.09 26.55 28.04
N ALA A 59 1.11 27.14 27.43
CA ALA A 59 1.04 28.47 26.80
C ALA A 59 0.18 28.50 25.53
N ALA A 60 -0.43 27.37 25.20
CA ALA A 60 -1.36 27.31 24.10
C ALA A 60 -2.79 27.28 24.63
N GLY A 61 -2.93 26.97 25.92
CA GLY A 61 -4.23 27.04 26.58
C GLY A 61 -4.73 25.71 27.14
N PHE A 62 -4.07 24.62 26.77
CA PHE A 62 -4.47 23.32 27.27
C PHE A 62 -3.92 23.09 28.67
N LYS A 63 -4.71 22.43 29.51
CA LYS A 63 -4.28 22.06 30.86
C LYS A 63 -3.97 20.56 30.94
N GLY A 64 -5.01 19.72 30.85
CA GLY A 64 -4.86 18.27 30.99
C GLY A 64 -4.26 17.52 29.81
N GLN A 65 -4.29 16.19 29.88
CA GLN A 65 -3.81 15.33 28.78
C GLN A 65 -4.84 15.19 27.65
N ARG A 66 -4.40 15.49 26.42
CA ARG A 66 -5.22 15.33 25.23
C ARG A 66 -4.67 14.32 24.21
N ILE A 67 -5.53 13.96 23.26
CA ILE A 67 -5.16 13.21 22.07
C ILE A 67 -5.72 13.98 20.86
N PHE A 68 -4.83 14.41 19.96
CA PHE A 68 -5.26 15.17 18.81
C PHE A 68 -5.28 14.30 17.56
N ASN A 69 -6.42 14.28 16.87
CA ASN A 69 -6.45 13.71 15.53
C ASN A 69 -6.18 14.83 14.54
N LEU A 70 -5.12 14.66 13.74
CA LEU A 70 -4.73 15.65 12.73
C LEU A 70 -5.20 15.25 11.34
N VAL A 71 -5.14 13.95 11.06
CA VAL A 71 -5.56 13.36 9.80
C VAL A 71 -6.49 12.21 10.14
N ALA A 72 -7.68 12.17 9.54
CA ALA A 72 -8.60 11.06 9.79
C ALA A 72 -8.00 9.77 9.26
N GLU A 73 -8.39 8.64 9.84
CA GLU A 73 -7.82 7.35 9.49
C GLU A 73 -8.09 6.89 8.06
N GLU A 74 -9.23 7.26 7.50
CA GLU A 74 -9.48 6.98 6.08
C GLU A 74 -8.43 7.66 5.15
N ASP A 75 -7.79 8.74 5.63
CA ASP A 75 -6.77 9.45 4.86
C ASP A 75 -5.34 9.00 5.16
N ARG A 76 -4.38 9.51 4.41
CA ARG A 76 -3.00 9.06 4.47
C ARG A 76 -2.05 10.14 4.94
N ALA A 77 -1.40 9.94 6.08
CA ALA A 77 -0.46 10.92 6.62
C ALA A 77 0.96 10.68 6.11
N TRP A 78 1.84 11.64 6.23
CA TRP A 78 3.20 11.44 5.86
C TRP A 78 4.03 11.30 7.08
N HIS A 79 3.96 10.12 7.68
CA HIS A 79 4.56 9.89 8.94
C HIS A 79 5.65 8.90 8.90
N ALA A 80 5.79 8.14 7.83
CA ALA A 80 6.70 7.02 7.83
C ALA A 80 7.72 7.02 6.72
N GLY A 81 7.51 7.82 5.71
CA GLY A 81 8.48 7.97 4.67
C GLY A 81 8.86 6.66 4.11
N VAL A 82 10.07 6.53 3.62
CA VAL A 82 10.52 5.33 2.94
C VAL A 82 10.77 4.21 3.88
N SER A 83 10.01 3.15 3.77
CA SER A 83 9.98 2.16 4.84
C SER A 83 9.73 0.74 4.32
N GLY A 84 9.49 -0.19 5.23
CA GLY A 84 9.23 -1.57 4.84
C GLY A 84 9.07 -2.50 6.02
N TRP A 85 8.11 -3.42 5.91
CA TRP A 85 7.80 -4.32 7.01
C TRP A 85 6.84 -5.37 6.51
N ALA A 86 7.01 -6.62 6.94
CA ALA A 86 6.17 -7.74 6.50
C ALA A 86 5.83 -7.66 5.02
N ARG A 87 6.84 -7.60 4.17
CA ARG A 87 6.65 -7.62 2.71
C ARG A 87 5.86 -6.47 2.07
N ARG A 88 5.51 -5.43 2.80
CA ARG A 88 4.90 -4.25 2.18
C ARG A 88 5.96 -3.20 2.21
N ASP A 89 5.84 -2.14 1.43
CA ASP A 89 7.00 -1.25 1.31
C ASP A 89 6.77 0.26 1.39
N ASN A 90 5.57 0.73 1.58
CA ASN A 90 5.45 2.16 1.69
C ASN A 90 4.38 2.47 2.67
N LEU A 91 4.72 2.44 3.94
CA LEU A 91 3.77 2.18 5.00
C LEU A 91 2.76 3.29 5.35
N ASN A 92 2.81 4.42 4.66
CA ASN A 92 1.80 5.46 4.85
C ASN A 92 0.46 4.97 4.30
N ASP A 93 0.54 4.32 3.14
CA ASP A 93 -0.59 3.68 2.46
C ASP A 93 -1.37 2.69 3.32
N THR A 94 -0.65 1.94 4.15
CA THR A 94 -1.25 0.86 4.90
C THR A 94 -1.21 1.02 6.43
N SER A 95 -0.82 2.19 6.92
CA SER A 95 -0.77 2.37 8.39
C SER A 95 -1.48 3.60 8.96
N ILE A 96 -1.70 3.53 10.27
CA ILE A 96 -1.98 4.70 11.07
C ILE A 96 -0.69 5.02 11.83
N GLY A 97 -0.28 6.30 11.82
CA GLY A 97 0.87 6.70 12.60
C GLY A 97 0.50 7.51 13.83
N ILE A 98 1.13 7.18 14.96
CA ILE A 98 0.98 7.95 16.21
C ILE A 98 2.27 8.66 16.63
N GLU A 99 2.14 9.94 16.90
CA GLU A 99 3.26 10.73 17.30
C GLU A 99 3.12 11.29 18.69
N ILE A 100 4.15 11.07 19.48
CA ILE A 100 4.21 11.58 20.85
C ILE A 100 5.26 12.69 21.00
N VAL A 101 4.95 13.72 21.78
CA VAL A 101 5.92 14.79 22.03
C VAL A 101 6.96 14.44 23.11
N ASN A 102 8.23 14.56 22.72
CA ASN A 102 9.34 14.01 23.49
C ASN A 102 10.62 14.55 22.87
N LEU A 103 11.49 15.12 23.70
CA LEU A 103 12.67 15.81 23.16
C LEU A 103 13.93 14.92 23.11
N ALA A 104 14.00 14.05 22.09
CA ALA A 104 15.21 13.28 21.84
C ALA A 104 16.23 14.18 21.13
N ARG A 105 17.51 13.85 21.26
CA ARG A 105 18.58 14.56 20.57
C ARG A 105 19.28 13.60 19.64
N ASP A 106 19.67 14.07 18.45
CA ASP A 106 20.09 13.16 17.37
C ASP A 106 21.33 13.58 16.61
N ASP A 107 21.48 14.88 16.38
CA ASP A 107 22.49 15.43 15.44
C ASP A 107 23.85 15.78 16.06
N ASP A 108 24.24 15.03 17.09
CA ASP A 108 25.55 15.17 17.71
C ASP A 108 26.42 13.97 17.29
N GLY A 109 25.75 12.95 16.75
CA GLY A 109 26.37 11.66 16.52
C GLY A 109 26.00 10.76 17.71
N VAL A 110 25.72 11.40 18.84
CA VAL A 110 25.40 10.71 20.09
C VAL A 110 23.96 10.99 20.58
N PHE A 111 23.18 9.92 20.76
CA PHE A 111 21.74 10.04 21.05
C PHE A 111 21.37 10.15 22.55
N THR A 112 20.38 11.00 22.86
CA THR A 112 19.79 11.07 24.21
C THR A 112 18.24 11.00 24.19
N PHE A 113 17.68 10.04 24.95
CA PHE A 113 16.22 9.81 24.98
C PHE A 113 15.59 10.05 26.36
N PRO A 114 14.90 11.19 26.51
CA PRO A 114 14.18 11.48 27.77
C PRO A 114 12.95 10.61 27.93
N ASP A 115 12.54 10.37 29.18
CA ASP A 115 11.44 9.47 29.46
C ASP A 115 10.11 10.13 29.13
N TYR A 116 9.09 9.31 28.88
CA TYR A 116 7.74 9.83 28.59
C TYR A 116 6.98 10.07 29.89
N GLU A 117 5.89 10.82 29.83
CA GLU A 117 5.07 11.04 31.02
C GLU A 117 4.06 9.91 31.20
N ARG A 118 3.56 9.71 32.42
CA ARG A 118 2.63 8.62 32.69
C ARG A 118 1.30 8.86 31.97
N SER A 119 0.84 10.11 31.97
CA SER A 119 -0.40 10.48 31.27
C SER A 119 -0.28 10.27 29.77
N GLN A 120 0.89 10.57 29.20
CA GLN A 120 1.15 10.27 27.81
C GLN A 120 0.98 8.78 27.50
N ILE A 121 1.45 7.92 28.39
CA ILE A 121 1.32 6.48 28.17
C ILE A 121 -0.11 5.97 28.31
N ASN A 122 -0.87 6.44 29.29
CA ASN A 122 -2.25 5.96 29.41
C ASN A 122 -3.06 6.29 28.17
N ALA A 123 -2.73 7.41 27.56
CA ALA A 123 -3.39 7.87 26.36
C ALA A 123 -3.01 6.94 25.23
N LEU A 124 -1.70 6.81 25.04
CA LEU A 124 -1.12 5.88 24.09
C LEU A 124 -1.65 4.46 24.26
N LYS A 125 -1.89 4.04 25.50
CA LYS A 125 -2.43 2.70 25.74
C LYS A 125 -3.89 2.60 25.26
N GLN A 126 -4.72 3.57 25.62
CA GLN A 126 -6.13 3.38 25.33
C GLN A 126 -6.40 3.71 23.88
N LEU A 127 -5.58 4.58 23.30
CA LEU A 127 -5.71 4.93 21.89
C LEU A 127 -5.33 3.74 21.04
N ALA A 128 -4.37 2.95 21.49
CA ALA A 128 -3.92 1.87 20.65
C ALA A 128 -4.84 0.66 20.78
N LYS A 129 -5.50 0.49 21.92
CA LYS A 129 -6.49 -0.57 22.05
C LYS A 129 -7.61 -0.26 21.08
N ASN A 130 -8.10 0.98 21.16
CA ASN A 130 -9.21 1.46 20.34
C ASN A 130 -9.04 1.16 18.85
N ILE A 131 -7.84 1.38 18.36
CA ILE A 131 -7.53 1.15 16.95
C ILE A 131 -7.45 -0.34 16.63
N LEU A 132 -6.79 -1.11 17.48
CA LEU A 132 -6.56 -2.52 17.20
C LEU A 132 -7.85 -3.32 17.11
N GLN A 133 -8.87 -2.87 17.83
CA GLN A 133 -10.15 -3.54 17.89
C GLN A 133 -10.96 -3.32 16.62
N ARG A 134 -10.50 -2.37 15.80
CA ARG A 134 -11.20 -1.94 14.60
C ARG A 134 -10.48 -2.29 13.29
N TYR A 135 -9.27 -2.85 13.39
CA TYR A 135 -8.51 -3.29 12.20
C TYR A 135 -8.02 -4.74 12.34
N PRO A 136 -8.83 -5.71 11.87
CA PRO A 136 -8.52 -7.12 12.15
C PRO A 136 -7.15 -7.63 11.68
N ASP A 137 -6.54 -7.05 10.67
CA ASP A 137 -5.27 -7.55 10.21
C ASP A 137 -4.11 -6.81 10.83
N MET A 138 -4.39 -6.03 11.86
CA MET A 138 -3.37 -5.44 12.71
C MET A 138 -3.01 -6.45 13.83
N THR A 139 -2.34 -7.52 13.43
CA THR A 139 -1.84 -8.54 14.32
C THR A 139 -0.71 -7.93 15.16
N PRO A 140 -0.37 -8.54 16.31
CA PRO A 140 0.60 -7.97 17.28
C PRO A 140 1.96 -7.57 16.73
N LYS A 141 2.47 -8.25 15.70
CA LYS A 141 3.76 -7.85 15.17
C LYS A 141 3.61 -6.58 14.35
N ASN A 142 2.39 -6.12 14.20
CA ASN A 142 2.11 -4.99 13.33
C ASN A 142 1.97 -3.69 14.07
N VAL A 143 2.09 -3.73 15.38
CA VAL A 143 2.29 -2.50 16.11
C VAL A 143 3.81 -2.34 16.16
N VAL A 144 4.34 -1.40 15.38
CA VAL A 144 5.79 -1.25 15.21
C VAL A 144 6.31 0.18 15.44
N GLY A 145 7.63 0.33 15.59
CA GLY A 145 8.23 1.65 15.71
C GLY A 145 8.88 2.14 14.41
N HIS A 146 9.05 3.44 14.29
CA HIS A 146 9.65 4.01 13.12
C HIS A 146 11.01 3.50 12.93
N SER A 147 11.69 3.22 14.01
CA SER A 147 13.00 2.59 13.93
C SER A 147 12.95 1.22 13.22
N ASP A 148 11.91 0.41 13.49
CA ASP A 148 11.83 -0.97 12.97
C ASP A 148 11.56 -1.02 11.48
N ILE A 149 10.90 0.01 10.96
CA ILE A 149 10.45 -0.01 9.56
C ILE A 149 11.38 0.78 8.66
N ALA A 150 12.11 1.73 9.25
CA ALA A 150 13.11 2.51 8.52
C ALA A 150 14.46 2.34 9.20
N VAL A 151 14.95 1.11 9.26
CA VAL A 151 16.16 0.82 10.03
C VAL A 151 17.39 1.59 9.54
N GLY A 152 18.10 2.19 10.49
CA GLY A 152 19.33 2.90 10.20
C GLY A 152 19.10 4.32 9.73
N ARG A 153 17.83 4.66 9.56
CA ARG A 153 17.45 5.99 9.10
C ARG A 153 16.68 6.76 10.17
N LYS A 154 16.13 6.05 11.15
CA LYS A 154 15.37 6.72 12.18
C LYS A 154 15.54 6.03 13.51
N SER A 155 15.34 6.78 14.59
CA SER A 155 15.55 6.26 15.95
C SER A 155 14.31 6.28 16.86
N ASP A 156 13.22 6.90 16.43
CA ASP A 156 12.00 6.92 17.24
C ASP A 156 11.28 5.57 17.15
N PRO A 157 10.39 5.27 18.10
CA PRO A 157 10.02 6.14 19.22
C PRO A 157 11.10 6.19 20.28
N GLY A 158 12.16 5.39 20.13
CA GLY A 158 13.24 5.39 21.10
C GLY A 158 13.09 4.26 22.09
N PRO A 159 14.14 4.03 22.91
CA PRO A 159 14.27 2.97 23.93
C PRO A 159 13.59 3.32 25.24
N LYS A 160 13.02 4.53 25.31
CA LYS A 160 12.22 4.91 26.46
C LYS A 160 10.74 4.45 26.33
N LEU A 161 10.37 3.93 25.15
CA LEU A 161 9.02 3.39 24.95
C LEU A 161 8.80 2.07 25.71
N PRO A 162 7.83 2.06 26.63
CA PRO A 162 7.46 0.91 27.47
C PRO A 162 6.71 -0.18 26.70
N TRP A 163 7.39 -0.78 25.72
CA TRP A 163 6.81 -1.81 24.87
C TRP A 163 6.15 -2.98 25.59
N LYS A 164 6.86 -3.60 26.51
CA LYS A 164 6.28 -4.70 27.28
C LYS A 164 5.05 -4.26 28.08
N GLU A 165 5.07 -3.03 28.58
CA GLU A 165 3.92 -2.52 29.34
C GLU A 165 2.65 -2.55 28.49
N LEU A 166 2.77 -2.07 27.25
CA LEU A 166 1.70 -2.09 26.26
C LEU A 166 1.30 -3.51 25.94
N TYR A 167 2.27 -4.39 25.88
CA TYR A 167 1.99 -5.77 25.53
C TYR A 167 1.05 -6.35 26.57
N GLU A 168 1.21 -5.92 27.81
CA GLU A 168 0.37 -6.41 28.89
C GLU A 168 -1.02 -5.82 28.81
N ALA A 169 -1.14 -4.73 28.06
CA ALA A 169 -2.44 -4.12 27.82
C ALA A 169 -3.01 -4.57 26.47
N GLY A 170 -2.41 -5.61 25.90
CA GLY A 170 -2.92 -6.17 24.64
C GLY A 170 -2.56 -5.33 23.44
N ILE A 171 -1.36 -4.75 23.47
CA ILE A 171 -0.85 -3.93 22.38
C ILE A 171 0.55 -4.37 21.92
N GLY A 172 0.62 -5.06 20.77
CA GLY A 172 1.90 -5.44 20.20
C GLY A 172 2.43 -6.79 20.61
N ALA A 173 3.55 -7.20 20.02
CA ALA A 173 4.17 -8.50 20.27
C ALA A 173 5.25 -8.49 21.36
N TRP A 174 5.30 -9.56 22.16
CA TRP A 174 6.34 -9.78 23.19
C TRP A 174 6.48 -11.27 23.51
N TYR A 175 7.68 -11.70 23.91
CA TYR A 175 7.96 -13.13 24.15
C TYR A 175 7.44 -13.67 25.47
N ASP A 176 7.28 -14.99 25.53
CA ASP A 176 7.16 -15.69 26.79
C ASP A 176 8.57 -15.78 27.38
N ASP A 177 8.70 -15.59 28.69
CA ASP A 177 10.01 -15.58 29.34
C ASP A 177 10.59 -16.98 29.34
N ALA A 178 9.71 -17.97 29.44
CA ALA A 178 10.10 -19.38 29.34
C ALA A 178 10.63 -19.77 27.96
N THR A 179 9.97 -19.32 26.89
CA THR A 179 10.40 -19.66 25.53
C THR A 179 11.73 -18.99 25.19
N ARG A 180 11.95 -17.77 25.69
CA ARG A 180 13.24 -17.11 25.47
C ARG A 180 14.32 -17.89 26.15
N ASP A 181 14.05 -18.23 27.41
CA ASP A 181 15.00 -18.99 28.23
C ASP A 181 15.45 -20.30 27.57
N ARG A 182 14.52 -21.08 27.01
CA ARG A 182 14.85 -22.31 26.27
C ARG A 182 15.79 -22.02 25.11
N TYR A 183 15.60 -20.90 24.43
CA TYR A 183 16.51 -20.54 23.35
C TYR A 183 17.85 -20.06 23.90
N ARG A 184 17.79 -19.25 24.96
CA ARG A 184 18.98 -18.74 25.64
C ARG A 184 19.95 -19.88 25.94
N GLU A 185 19.52 -20.80 26.81
CA GLU A 185 20.29 -22.00 27.13
C GLU A 185 20.79 -22.79 25.90
N GLY A 186 19.91 -23.08 24.95
CA GLY A 186 20.31 -23.82 23.76
C GLY A 186 21.37 -23.13 22.92
N PHE A 187 21.33 -21.81 22.91
CA PHE A 187 22.29 -21.02 22.14
C PHE A 187 23.66 -21.04 22.80
N GLU A 188 23.71 -20.97 24.13
CA GLU A 188 24.99 -21.06 24.86
C GLU A 188 25.62 -22.43 24.64
N ARG A 189 24.80 -23.46 24.73
CA ARG A 189 25.23 -24.84 24.62
C ARG A 189 25.77 -25.17 23.24
N ASP A 190 25.01 -24.82 22.20
CA ASP A 190 25.36 -25.25 20.85
C ASP A 190 25.96 -24.15 19.97
N GLY A 191 26.06 -22.94 20.50
CA GLY A 191 26.56 -21.81 19.73
C GLY A 191 25.44 -21.10 18.99
N LEU A 192 25.76 -19.93 18.44
CA LEU A 192 24.79 -19.17 17.65
C LEU A 192 24.68 -19.73 16.24
N PRO A 193 23.51 -19.51 15.58
CA PRO A 193 23.28 -19.93 14.20
C PRO A 193 24.12 -19.13 13.21
N PRO A 194 24.29 -19.64 11.98
CA PRO A 194 25.03 -18.90 10.94
C PRO A 194 24.44 -17.51 10.73
N ARG A 195 25.24 -16.61 10.17
CA ARG A 195 24.80 -15.26 9.85
C ARG A 195 23.58 -15.30 8.93
N ALA A 196 23.66 -16.11 7.88
CA ALA A 196 22.55 -16.24 6.94
C ALA A 196 21.28 -16.78 7.59
N ASP A 197 21.47 -17.55 8.65
CA ASP A 197 20.35 -18.17 9.35
C ASP A 197 19.63 -17.13 10.21
N LEU A 198 20.38 -16.12 10.67
CA LEU A 198 19.87 -15.07 11.55
C LEU A 198 19.20 -13.95 10.79
N LEU A 199 19.74 -13.62 9.62
CA LEU A 199 19.15 -12.59 8.76
C LEU A 199 17.78 -13.06 8.30
N GLU A 200 17.73 -14.32 7.88
CA GLU A 200 16.49 -14.98 7.51
C GLU A 200 15.47 -14.89 8.66
N ALA A 201 15.94 -15.13 9.88
CA ALA A 201 15.07 -15.08 11.04
C ALA A 201 14.59 -13.65 11.38
N PHE A 202 15.35 -12.65 10.99
CA PHE A 202 14.93 -11.27 11.16
C PHE A 202 13.85 -10.92 10.15
N ARG A 203 14.05 -11.36 8.91
CA ARG A 203 13.04 -11.27 7.83
C ARG A 203 11.67 -11.81 8.28
N LEU A 204 11.68 -13.05 8.76
CA LEU A 204 10.48 -13.70 9.26
C LEU A 204 9.77 -12.87 10.29
N TYR A 205 10.50 -12.16 11.14
CA TYR A 205 9.80 -11.29 12.08
C TYR A 205 9.17 -10.10 11.35
N GLY A 206 9.84 -9.58 10.33
CA GLY A 206 9.23 -8.54 9.53
C GLY A 206 10.22 -7.57 8.95
N TYR A 207 11.44 -7.61 9.47
CA TYR A 207 12.47 -6.68 9.05
C TYR A 207 12.73 -6.73 7.53
N ALA A 208 12.71 -5.56 6.89
CA ALA A 208 12.91 -5.46 5.45
C ALA A 208 14.40 -5.33 5.13
N LEU A 209 15.00 -6.41 4.63
CA LEU A 209 16.46 -6.47 4.41
C LEU A 209 16.85 -6.49 2.93
N PRO A 210 18.00 -5.85 2.59
CA PRO A 210 18.50 -6.05 1.21
C PRO A 210 18.94 -7.50 0.96
N ALA A 211 19.42 -7.79 -0.24
CA ALA A 211 19.92 -9.13 -0.53
C ALA A 211 21.17 -9.39 0.28
N THR A 212 22.09 -8.42 0.23
CA THR A 212 23.34 -8.47 0.96
C THR A 212 23.36 -7.48 2.12
N VAL A 213 23.72 -7.96 3.30
CA VAL A 213 23.77 -7.13 4.49
C VAL A 213 25.22 -6.93 4.94
N ASP A 214 25.73 -5.72 4.78
CA ASP A 214 27.06 -5.41 5.32
C ASP A 214 27.01 -5.41 6.85
N ASP A 215 28.15 -5.14 7.49
CA ASP A 215 28.20 -5.16 8.95
C ASP A 215 27.70 -3.84 9.54
N ALA A 216 27.73 -2.77 8.74
CA ALA A 216 27.19 -1.49 9.15
C ALA A 216 25.70 -1.65 9.35
N TYR A 217 25.07 -2.23 8.33
CA TYR A 217 23.63 -2.48 8.33
C TYR A 217 23.24 -3.38 9.48
N PHE A 218 23.91 -4.51 9.59
CA PHE A 218 23.68 -5.46 10.65
C PHE A 218 23.59 -4.78 12.00
N ALA A 219 24.50 -3.83 12.24
CA ALA A 219 24.51 -3.07 13.49
C ALA A 219 23.20 -2.32 13.66
N SER A 220 22.87 -1.50 12.67
CA SER A 220 21.65 -0.73 12.67
C SER A 220 20.45 -1.63 12.90
N LEU A 221 20.53 -2.83 12.33
CA LEU A 221 19.46 -3.80 12.46
C LEU A 221 19.33 -4.25 13.90
N LEU A 222 20.42 -4.83 14.41
CA LEU A 222 20.50 -5.28 15.80
C LEU A 222 20.12 -4.16 16.78
N ARG A 223 20.65 -2.97 16.55
CA ARG A 223 20.38 -1.83 17.42
C ARG A 223 18.91 -1.42 17.44
N ALA A 224 18.34 -1.16 16.27
CA ALA A 224 16.94 -0.78 16.17
C ALA A 224 16.03 -1.87 16.74
N PHE A 225 16.47 -3.12 16.61
CA PHE A 225 15.73 -4.24 17.17
C PHE A 225 15.77 -4.25 18.70
N GLN A 226 16.95 -3.97 19.24
CA GLN A 226 17.16 -3.95 20.68
C GLN A 226 16.44 -2.77 21.37
N MET A 227 16.27 -1.64 20.68
CA MET A 227 15.52 -0.49 21.21
C MET A 227 14.07 -0.89 21.51
N HIS A 228 13.63 -1.94 20.83
CA HIS A 228 12.26 -2.42 20.95
C HIS A 228 12.19 -3.60 21.91
N PHE A 229 12.99 -4.62 21.65
CA PHE A 229 12.82 -5.86 22.41
C PHE A 229 13.91 -6.20 23.45
N ARG A 230 14.92 -5.35 23.57
CA ARG A 230 15.97 -5.57 24.56
C ARG A 230 16.55 -4.24 24.97
N PRO A 231 15.68 -3.33 25.41
CA PRO A 231 16.03 -1.91 25.56
C PRO A 231 17.31 -1.71 26.39
N GLU A 232 17.48 -2.56 27.41
CA GLU A 232 18.56 -2.42 28.40
C GLU A 232 19.97 -2.24 27.81
N ASN A 233 20.19 -2.80 26.63
CA ASN A 233 21.45 -2.63 25.92
C ASN A 233 21.22 -2.73 24.41
N TYR A 234 21.40 -1.60 23.73
CA TYR A 234 21.26 -1.56 22.28
C TYR A 234 22.54 -1.04 21.62
N ASP A 235 23.68 -1.55 22.10
CA ASP A 235 24.97 -1.33 21.45
C ASP A 235 24.95 -1.74 19.97
N GLY A 236 24.14 -2.76 19.66
CA GLY A 236 23.96 -3.19 18.29
C GLY A 236 24.91 -4.31 17.92
N ALA A 237 25.37 -5.05 18.92
CA ALA A 237 26.28 -6.17 18.68
C ALA A 237 25.56 -7.51 18.89
N LEU A 238 25.96 -8.54 18.14
CA LEU A 238 25.32 -9.85 18.29
C LEU A 238 25.51 -10.38 19.70
N ASP A 239 24.52 -11.08 20.22
CA ASP A 239 24.40 -11.31 21.65
C ASP A 239 23.63 -12.63 21.78
N VAL A 240 23.60 -13.26 22.95
CA VAL A 240 22.77 -14.46 23.12
C VAL A 240 21.37 -14.06 23.60
N GLU A 241 21.32 -13.16 24.57
CA GLU A 241 20.08 -12.53 25.01
C GLU A 241 19.29 -12.13 23.76
N THR A 242 19.95 -11.38 22.88
CA THR A 242 19.34 -10.93 21.63
C THR A 242 18.71 -12.06 20.80
N ALA A 243 19.54 -12.95 20.24
CA ALA A 243 19.05 -14.06 19.45
C ALA A 243 17.92 -14.84 20.13
N ALA A 244 18.10 -15.17 21.40
CA ALA A 244 17.10 -15.94 22.11
C ALA A 244 15.71 -15.30 22.06
N ILE A 245 15.67 -13.96 21.99
CA ILE A 245 14.41 -13.25 21.94
C ILE A 245 13.82 -13.26 20.53
N LEU A 246 14.63 -12.92 19.53
CA LEU A 246 14.21 -12.96 18.12
C LEU A 246 13.56 -14.31 17.79
N TYR A 247 14.14 -15.39 18.29
CA TYR A 247 13.58 -16.72 18.09
C TYR A 247 12.34 -16.96 18.93
N ALA A 248 12.34 -16.50 20.17
CA ALA A 248 11.17 -16.66 21.02
C ALA A 248 9.99 -15.92 20.43
N LEU A 249 10.28 -14.79 19.80
CA LEU A 249 9.26 -13.97 19.19
C LEU A 249 8.69 -14.71 18.03
N ASN A 250 9.53 -15.02 17.05
CA ASN A 250 8.98 -15.64 15.87
C ASN A 250 8.74 -17.14 16.00
N GLU A 251 8.77 -17.65 17.23
CA GLU A 251 8.20 -18.95 17.51
C GLU A 251 6.73 -18.78 17.90
N LYS A 252 6.51 -17.79 18.77
CA LYS A 252 5.19 -17.43 19.30
C LYS A 252 4.29 -16.82 18.24
N TYR A 253 4.89 -16.07 17.34
CA TYR A 253 4.15 -15.35 16.32
C TYR A 253 4.70 -15.75 14.95
N PRO A 254 4.49 -17.00 14.55
CA PRO A 254 5.04 -17.41 13.25
C PRO A 254 4.01 -17.18 12.13
N ALA A 255 4.35 -17.65 10.92
CA ALA A 255 3.41 -17.69 9.82
C ALA A 255 2.28 -18.69 10.12
N MET B 1 -11.40 8.34 31.43
CA MET B 1 -11.10 8.05 30.03
C MET B 1 -11.28 9.28 29.13
N LEU B 2 -10.33 9.41 28.20
CA LEU B 2 -10.28 10.55 27.30
C LEU B 2 -11.29 10.46 26.18
N THR B 3 -11.33 11.49 25.35
CA THR B 3 -11.96 11.42 24.05
C THR B 3 -11.00 12.17 23.12
N ILE B 4 -11.13 11.94 21.81
CA ILE B 4 -10.25 12.56 20.84
C ILE B 4 -10.65 14.02 20.51
N ASP B 5 -9.66 14.91 20.36
CA ASP B 5 -9.91 16.29 19.91
C ASP B 5 -9.77 16.36 18.38
N TYR B 6 -10.91 16.49 17.68
CA TYR B 6 -10.91 16.57 16.22
C TYR B 6 -11.04 18.00 15.74
N ASN B 7 -11.07 18.96 16.67
CA ASN B 7 -11.38 20.36 16.34
C ASN B 7 -10.25 21.41 16.50
N SER B 8 -9.24 21.10 17.32
CA SER B 8 -8.13 22.03 17.60
C SER B 8 -7.16 22.17 16.44
N TYR B 9 -6.77 21.05 15.83
CA TYR B 9 -5.74 21.09 14.79
C TYR B 9 -6.09 20.14 13.66
N ARG B 10 -6.07 20.62 12.41
CA ARG B 10 -6.26 19.74 11.26
C ARG B 10 -5.06 19.86 10.34
N THR B 11 -4.53 18.73 9.86
CA THR B 11 -3.39 18.81 8.95
C THR B 11 -3.93 19.26 7.61
N THR B 12 -3.30 20.25 7.00
CA THR B 12 -3.72 20.73 5.68
C THR B 12 -2.80 20.21 4.59
N THR B 13 -1.68 20.88 4.44
CA THR B 13 -0.80 20.58 3.32
C THR B 13 -0.24 19.15 3.25
N PRO B 14 0.46 18.67 4.31
CA PRO B 14 1.14 17.37 4.20
C PRO B 14 0.26 16.14 4.49
N TYR B 15 -0.81 15.94 3.73
CA TYR B 15 -1.50 14.66 3.77
C TYR B 15 -2.02 14.24 2.38
N GLY B 16 -2.71 13.10 2.34
CA GLY B 16 -3.14 12.53 1.08
C GLY B 16 -4.32 11.59 1.22
N LYS B 17 -4.85 11.14 0.09
CA LYS B 17 -5.83 10.06 0.08
C LYS B 17 -5.05 8.77 -0.07
N ARG B 18 -5.50 7.68 0.56
CA ARG B 18 -4.78 6.41 0.46
C ARG B 18 -4.81 5.89 -0.98
N VAL B 19 -6.00 5.90 -1.59
CA VAL B 19 -6.21 5.42 -2.96
C VAL B 19 -5.62 6.35 -4.01
N ARG B 20 -4.82 5.81 -4.91
CA ARG B 20 -4.29 6.56 -6.02
C ARG B 20 -4.38 5.82 -7.34
N PHE B 21 -4.95 4.64 -7.33
CA PHE B 21 -5.14 3.84 -8.55
C PHE B 21 -6.58 3.45 -8.83
N LEU B 22 -6.82 3.06 -10.07
CA LEU B 22 -8.14 2.59 -10.50
C LEU B 22 -7.97 1.42 -11.47
N VAL B 23 -8.16 0.20 -10.97
CA VAL B 23 -7.96 -0.99 -11.82
C VAL B 23 -9.25 -1.44 -12.52
N LEU B 24 -9.15 -1.77 -13.80
CA LEU B 24 -10.30 -2.24 -14.56
C LEU B 24 -10.19 -3.73 -14.90
N HIS B 25 -11.24 -4.50 -14.68
CA HIS B 25 -11.27 -5.93 -14.84
C HIS B 25 -12.50 -6.37 -15.57
N TYR B 26 -12.52 -7.58 -16.09
CA TYR B 26 -13.72 -8.22 -16.59
C TYR B 26 -13.93 -9.48 -15.81
N THR B 27 -15.13 -10.04 -15.81
CA THR B 27 -15.47 -11.17 -14.95
C THR B 27 -15.21 -12.52 -15.52
N ALA B 28 -15.54 -12.69 -16.78
CA ALA B 28 -15.45 -13.96 -17.44
C ALA B 28 -16.56 -14.89 -17.00
N LEU B 29 -17.56 -14.35 -16.34
CA LEU B 29 -18.61 -15.11 -15.74
C LEU B 29 -19.80 -14.28 -15.97
N ASP B 30 -20.96 -14.91 -16.12
CA ASP B 30 -22.21 -14.17 -16.27
C ASP B 30 -22.55 -13.54 -14.93
N PHE B 31 -23.61 -12.74 -14.88
CA PHE B 31 -23.92 -11.94 -13.71
C PHE B 31 -24.06 -12.74 -12.45
N ALA B 32 -24.85 -13.80 -12.51
CA ALA B 32 -25.14 -14.58 -11.31
C ALA B 32 -23.88 -15.20 -10.72
N ALA B 33 -23.11 -15.88 -11.56
CA ALA B 33 -21.86 -16.48 -11.11
C ALA B 33 -20.93 -15.38 -10.62
N SER B 34 -20.84 -14.34 -11.41
CA SER B 34 -20.06 -13.17 -11.14
C SER B 34 -20.36 -12.58 -9.79
N VAL B 35 -21.61 -12.25 -9.55
CA VAL B 35 -21.96 -11.66 -8.26
C VAL B 35 -21.67 -12.58 -7.06
N LYS B 36 -22.01 -13.86 -7.15
CA LYS B 36 -21.73 -14.83 -6.07
C LYS B 36 -20.22 -14.91 -5.69
N ALA B 37 -19.35 -15.02 -6.66
CA ALA B 37 -17.93 -15.08 -6.48
C ALA B 37 -17.33 -13.87 -5.81
N LEU B 38 -17.65 -12.67 -6.26
CA LEU B 38 -17.06 -11.46 -5.70
C LEU B 38 -17.69 -11.05 -4.42
N THR B 39 -18.49 -11.92 -3.88
CA THR B 39 -19.28 -11.62 -2.70
C THR B 39 -18.96 -12.63 -1.59
N THR B 40 -18.68 -13.87 -2.01
CA THR B 40 -18.36 -14.95 -1.08
C THR B 40 -17.09 -15.74 -1.44
N GLY B 41 -16.66 -15.64 -2.69
CA GLY B 41 -15.52 -16.42 -3.14
C GLY B 41 -14.20 -15.92 -2.60
N ALA B 42 -13.18 -15.93 -3.43
CA ALA B 42 -11.88 -15.50 -3.00
C ALA B 42 -11.37 -14.30 -3.76
N ALA B 43 -12.25 -13.41 -4.12
CA ALA B 43 -11.88 -12.18 -4.73
C ALA B 43 -13.07 -11.35 -4.62
N SER B 44 -12.85 -10.06 -4.71
CA SER B 44 -13.89 -9.04 -4.71
C SER B 44 -13.44 -7.82 -5.52
N ALA B 45 -14.37 -6.88 -5.79
CA ALA B 45 -14.01 -5.58 -6.35
C ALA B 45 -14.87 -4.55 -5.65
N HIS B 46 -14.58 -3.27 -5.82
CA HIS B 46 -15.40 -2.26 -5.15
C HIS B 46 -16.72 -2.14 -5.90
N TYR B 47 -16.62 -2.07 -7.22
CA TYR B 47 -17.78 -1.83 -8.06
C TYR B 47 -18.00 -2.94 -9.06
N LEU B 48 -19.28 -3.26 -9.32
CA LEU B 48 -19.67 -4.26 -10.36
C LEU B 48 -20.57 -3.69 -11.46
N ILE B 49 -20.10 -3.73 -12.71
CA ILE B 49 -20.90 -3.29 -13.87
C ILE B 49 -21.42 -4.45 -14.75
N PRO B 50 -22.74 -4.74 -14.65
CA PRO B 50 -23.42 -5.85 -15.32
C PRO B 50 -23.72 -5.58 -16.80
N ALA B 51 -23.90 -6.66 -17.57
CA ALA B 51 -24.39 -6.56 -18.95
C ALA B 51 -25.89 -6.80 -18.87
N PRO B 52 -26.69 -5.85 -19.40
CA PRO B 52 -28.15 -5.89 -19.27
C PRO B 52 -28.81 -6.99 -20.07
N HIS B 53 -28.11 -7.46 -21.11
CA HIS B 53 -28.56 -8.58 -21.91
C HIS B 53 -27.89 -9.85 -21.44
N ASP B 54 -28.27 -10.29 -20.26
CA ASP B 54 -27.66 -11.42 -19.57
C ASP B 54 -28.82 -12.06 -18.81
N PRO B 55 -29.26 -13.25 -19.25
CA PRO B 55 -30.43 -13.94 -18.70
C PRO B 55 -30.37 -14.08 -17.19
N SER B 56 -29.16 -14.09 -16.62
CA SER B 56 -28.99 -14.23 -15.18
C SER B 56 -29.18 -12.90 -14.49
N TYR B 57 -28.92 -11.83 -15.22
CA TYR B 57 -29.15 -10.48 -14.71
C TYR B 57 -30.65 -10.20 -14.64
N LYS B 58 -31.36 -10.55 -15.71
CA LYS B 58 -32.80 -10.36 -15.77
C LYS B 58 -33.49 -11.25 -14.73
N ALA B 59 -33.03 -12.50 -14.68
CA ALA B 59 -33.51 -13.48 -13.70
C ALA B 59 -33.38 -13.00 -12.26
N ALA B 60 -32.49 -12.05 -12.05
CA ALA B 60 -32.24 -11.56 -10.71
C ALA B 60 -33.26 -10.51 -10.34
N GLY B 61 -33.94 -9.95 -11.33
CA GLY B 61 -34.89 -8.88 -11.08
C GLY B 61 -34.41 -7.55 -11.65
N PHE B 62 -33.40 -7.62 -12.49
CA PHE B 62 -32.85 -6.42 -13.08
C PHE B 62 -33.21 -6.35 -14.55
N LYS B 63 -33.16 -5.14 -15.10
CA LYS B 63 -33.34 -5.00 -16.54
C LYS B 63 -32.37 -3.96 -17.05
N GLY B 64 -32.56 -2.70 -16.64
CA GLY B 64 -31.71 -1.61 -17.08
C GLY B 64 -30.30 -1.72 -16.53
N GLN B 65 -29.42 -0.80 -16.95
CA GLN B 65 -28.04 -0.74 -16.44
C GLN B 65 -28.04 -0.36 -14.96
N ARG B 66 -27.11 -0.93 -14.20
CA ARG B 66 -26.90 -0.53 -12.80
C ARG B 66 -25.41 -0.37 -12.55
N ILE B 67 -25.07 0.24 -11.43
CA ILE B 67 -23.71 0.12 -10.92
C ILE B 67 -23.80 -0.37 -9.48
N PHE B 68 -23.24 -1.54 -9.23
CA PHE B 68 -23.30 -2.08 -7.88
C PHE B 68 -22.06 -1.72 -7.08
N ASN B 69 -22.27 -1.35 -5.82
CA ASN B 69 -21.16 -1.22 -4.90
C ASN B 69 -21.14 -2.40 -3.96
N LEU B 70 -20.10 -3.18 -4.04
CA LEU B 70 -19.94 -4.30 -3.18
C LEU B 70 -19.09 -4.02 -1.98
N VAL B 71 -17.95 -3.39 -2.16
CA VAL B 71 -17.05 -3.10 -1.10
C VAL B 71 -16.85 -1.62 -1.05
N ALA B 72 -17.05 -1.02 0.11
CA ALA B 72 -16.81 0.38 0.35
C ALA B 72 -15.57 0.80 -0.27
N GLU B 73 -15.45 2.08 -0.52
CA GLU B 73 -14.31 2.61 -1.19
C GLU B 73 -13.19 2.78 -0.20
N GLU B 74 -13.52 2.93 1.07
CA GLU B 74 -12.52 3.13 2.11
C GLU B 74 -11.90 1.79 2.48
N ASP B 75 -12.65 0.72 2.26
CA ASP B 75 -12.21 -0.64 2.51
C ASP B 75 -11.34 -1.21 1.40
N ARG B 76 -10.74 -2.36 1.61
CA ARG B 76 -9.83 -2.97 0.65
C ARG B 76 -10.37 -4.20 -0.06
N ALA B 77 -10.72 -4.08 -1.33
CA ALA B 77 -11.26 -5.23 -2.10
C ALA B 77 -10.12 -6.13 -2.61
N TRP B 78 -10.34 -7.42 -2.85
CA TRP B 78 -9.33 -8.34 -3.26
C TRP B 78 -9.47 -8.58 -4.72
N HIS B 79 -9.04 -7.62 -5.51
CA HIS B 79 -9.20 -7.67 -6.92
C HIS B 79 -7.92 -7.76 -7.64
N ALA B 80 -6.98 -6.90 -7.31
CA ALA B 80 -5.72 -6.76 -8.02
C ALA B 80 -4.77 -7.91 -7.92
N GLY B 81 -4.61 -8.46 -6.75
CA GLY B 81 -3.75 -9.60 -6.55
C GLY B 81 -2.32 -9.25 -6.37
N VAL B 82 -1.42 -10.04 -6.93
CA VAL B 82 -0.03 -9.73 -6.86
C VAL B 82 0.27 -8.89 -8.06
N SER B 83 0.66 -7.66 -7.82
CA SER B 83 0.68 -6.63 -8.85
C SER B 83 1.73 -5.53 -8.65
N GLY B 84 1.79 -4.60 -9.59
CA GLY B 84 2.76 -3.52 -9.53
C GLY B 84 2.49 -2.42 -10.54
N TRP B 85 2.75 -1.19 -10.11
CA TRP B 85 2.60 0.00 -10.95
C TRP B 85 3.18 1.23 -10.25
N ALA B 86 3.50 2.28 -10.99
CA ALA B 86 4.33 3.37 -10.45
C ALA B 86 5.47 2.72 -9.71
N ARG B 87 5.67 3.08 -8.48
CA ARG B 87 6.60 2.33 -7.73
C ARG B 87 5.98 1.61 -6.56
N ARG B 88 4.77 1.07 -6.75
CA ARG B 88 4.08 0.37 -5.71
C ARG B 88 3.89 -1.05 -6.14
N ASP B 89 3.50 -1.94 -5.24
CA ASP B 89 3.42 -3.35 -5.59
C ASP B 89 2.38 -4.22 -4.85
N ASN B 90 1.45 -3.67 -4.11
CA ASN B 90 0.36 -4.49 -3.65
C ASN B 90 -0.81 -3.65 -3.92
N LEU B 91 -1.17 -3.58 -5.16
CA LEU B 91 -2.11 -2.56 -5.62
C LEU B 91 -3.53 -2.65 -5.07
N ASN B 92 -3.79 -3.72 -4.36
CA ASN B 92 -5.03 -3.94 -3.70
C ASN B 92 -5.17 -2.95 -2.59
N ASP B 93 -4.05 -2.60 -1.99
CA ASP B 93 -3.97 -1.73 -0.83
C ASP B 93 -4.45 -0.34 -1.14
N THR B 94 -4.33 0.00 -2.42
CA THR B 94 -4.08 1.36 -2.78
C THR B 94 -4.84 1.75 -4.06
N SER B 95 -5.76 0.86 -4.46
CA SER B 95 -6.63 1.12 -5.61
C SER B 95 -8.12 0.86 -5.35
N ILE B 96 -8.96 1.48 -6.17
CA ILE B 96 -10.33 1.03 -6.30
C ILE B 96 -10.37 0.07 -7.50
N GLY B 97 -11.15 -1.00 -7.41
CA GLY B 97 -11.21 -1.95 -8.51
C GLY B 97 -12.60 -2.02 -9.10
N ILE B 98 -12.70 -1.79 -10.41
CA ILE B 98 -13.99 -1.91 -11.09
C ILE B 98 -14.07 -3.19 -11.92
N GLU B 99 -15.16 -3.91 -11.77
CA GLU B 99 -15.40 -5.13 -12.50
C GLU B 99 -16.62 -5.08 -13.36
N ILE B 100 -16.47 -5.47 -14.60
CA ILE B 100 -17.52 -5.41 -15.60
C ILE B 100 -17.84 -6.81 -16.11
N VAL B 101 -19.11 -7.24 -16.10
CA VAL B 101 -19.39 -8.60 -16.64
C VAL B 101 -19.19 -8.67 -18.15
N ASN B 102 -18.36 -9.63 -18.56
CA ASN B 102 -17.97 -9.77 -19.96
C ASN B 102 -17.56 -11.21 -20.15
N LEU B 103 -18.07 -11.87 -21.19
CA LEU B 103 -17.86 -13.31 -21.30
C LEU B 103 -16.59 -13.65 -22.08
N ALA B 104 -15.45 -13.21 -21.54
CA ALA B 104 -14.14 -13.48 -22.13
C ALA B 104 -13.75 -14.95 -21.97
N ARG B 105 -13.78 -15.69 -23.08
CA ARG B 105 -13.60 -17.14 -23.01
C ARG B 105 -12.12 -17.48 -22.77
N ASP B 106 -11.91 -18.62 -22.15
CA ASP B 106 -10.64 -18.97 -21.52
C ASP B 106 -9.51 -19.33 -22.50
N ASP B 107 -8.30 -19.38 -21.94
CA ASP B 107 -7.09 -19.78 -22.67
C ASP B 107 -6.86 -21.31 -22.69
N ASP B 108 -7.55 -21.99 -23.62
CA ASP B 108 -7.22 -23.38 -23.95
C ASP B 108 -7.04 -23.61 -25.45
N GLY B 109 -6.10 -22.92 -26.11
CA GLY B 109 -5.22 -21.93 -25.52
C GLY B 109 -5.42 -20.54 -26.10
N VAL B 110 -6.56 -20.31 -26.74
CA VAL B 110 -6.83 -19.05 -27.45
C VAL B 110 -7.96 -18.20 -26.84
N PHE B 111 -7.78 -16.88 -26.85
CA PHE B 111 -8.69 -15.97 -26.18
C PHE B 111 -9.83 -15.46 -27.08
N THR B 112 -11.04 -15.40 -26.51
CA THR B 112 -12.20 -14.81 -27.19
C THR B 112 -12.65 -13.56 -26.43
N PHE B 113 -12.73 -12.41 -27.12
CA PHE B 113 -13.10 -11.15 -26.46
C PHE B 113 -14.37 -10.51 -27.00
N PRO B 114 -15.51 -10.69 -26.31
CA PRO B 114 -16.81 -10.11 -26.68
C PRO B 114 -16.80 -8.61 -26.52
N ASP B 115 -17.60 -7.92 -27.33
CA ASP B 115 -17.76 -6.48 -27.19
C ASP B 115 -18.42 -6.15 -25.86
N TYR B 116 -18.25 -4.92 -25.40
CA TYR B 116 -19.01 -4.46 -24.25
C TYR B 116 -20.30 -3.85 -24.75
N GLU B 117 -21.34 -3.88 -23.93
CA GLU B 117 -22.58 -3.22 -24.29
C GLU B 117 -22.39 -1.72 -24.17
N ARG B 118 -23.04 -0.97 -25.05
CA ARG B 118 -22.93 0.48 -25.06
C ARG B 118 -23.33 1.04 -23.67
N SER B 119 -24.40 0.52 -23.08
CA SER B 119 -24.81 1.00 -21.76
C SER B 119 -23.71 0.87 -20.70
N GLN B 120 -23.00 -0.26 -20.69
CA GLN B 120 -21.91 -0.51 -19.74
C GLN B 120 -20.82 0.53 -19.83
N ILE B 121 -20.45 0.88 -21.05
CA ILE B 121 -19.35 1.79 -21.29
C ILE B 121 -19.69 3.17 -20.74
N ASN B 122 -20.97 3.51 -20.81
CA ASN B 122 -21.44 4.77 -20.28
C ASN B 122 -21.40 4.81 -18.77
N ALA B 123 -21.93 3.76 -18.14
CA ALA B 123 -21.76 3.57 -16.70
C ALA B 123 -20.30 3.82 -16.30
N LEU B 124 -19.39 2.99 -16.81
CA LEU B 124 -17.94 3.08 -16.56
C LEU B 124 -17.44 4.51 -16.59
N LYS B 125 -17.83 5.22 -17.64
CA LYS B 125 -17.47 6.62 -17.81
C LYS B 125 -17.91 7.46 -16.61
N GLN B 126 -19.19 7.41 -16.28
CA GLN B 126 -19.67 8.27 -15.21
C GLN B 126 -19.08 7.83 -13.88
N LEU B 127 -18.94 6.53 -13.68
CA LEU B 127 -18.33 6.02 -12.44
C LEU B 127 -16.86 6.45 -12.29
N ALA B 128 -16.06 6.23 -13.33
CA ALA B 128 -14.65 6.59 -13.27
C ALA B 128 -14.49 8.08 -13.11
N LYS B 129 -15.36 8.85 -13.77
CA LYS B 129 -15.35 10.31 -13.71
C LYS B 129 -15.60 10.77 -12.28
N ASN B 130 -16.49 10.06 -11.58
CA ASN B 130 -16.84 10.37 -10.19
C ASN B 130 -15.69 10.08 -9.24
N ILE B 131 -15.05 8.94 -9.46
CA ILE B 131 -13.90 8.54 -8.67
C ILE B 131 -12.72 9.51 -8.88
N LEU B 132 -12.41 9.78 -10.14
CA LEU B 132 -11.26 10.61 -10.48
C LEU B 132 -11.34 12.01 -9.87
N GLN B 133 -12.56 12.48 -9.63
CA GLN B 133 -12.79 13.81 -9.07
C GLN B 133 -12.49 13.95 -7.58
N ARG B 134 -12.39 12.81 -6.89
CA ARG B 134 -12.30 12.81 -5.43
C ARG B 134 -10.96 12.25 -4.95
N TYR B 135 -10.18 11.74 -5.90
CA TYR B 135 -8.85 11.25 -5.58
C TYR B 135 -7.80 11.94 -6.42
N PRO B 136 -7.30 13.09 -5.93
CA PRO B 136 -6.28 13.91 -6.60
C PRO B 136 -5.01 13.18 -7.07
N ASP B 137 -4.41 12.30 -6.33
CA ASP B 137 -3.22 11.65 -6.81
C ASP B 137 -3.49 10.59 -7.87
N MET B 138 -4.75 10.31 -8.15
CA MET B 138 -5.17 9.41 -9.25
C MET B 138 -5.18 10.13 -10.60
N THR B 139 -4.03 10.04 -11.27
CA THR B 139 -3.72 10.81 -12.46
C THR B 139 -3.81 9.89 -13.66
N PRO B 140 -3.99 10.46 -14.85
CA PRO B 140 -4.19 9.74 -16.13
C PRO B 140 -3.48 8.39 -16.30
N LYS B 141 -2.19 8.28 -15.96
CA LYS B 141 -1.48 6.98 -16.05
C LYS B 141 -1.87 5.96 -14.97
N ASN B 142 -2.50 6.45 -13.91
CA ASN B 142 -2.92 5.63 -12.79
C ASN B 142 -4.27 4.99 -12.98
N VAL B 143 -4.89 5.21 -14.13
CA VAL B 143 -6.05 4.38 -14.47
C VAL B 143 -5.54 3.24 -15.37
N VAL B 144 -5.67 2.00 -14.90
CA VAL B 144 -4.97 0.90 -15.57
C VAL B 144 -5.82 -0.35 -15.73
N GLY B 145 -5.37 -1.25 -16.59
CA GLY B 145 -6.01 -2.53 -16.72
C GLY B 145 -5.28 -3.53 -15.83
N HIS B 146 -5.96 -4.59 -15.43
CA HIS B 146 -5.36 -5.64 -14.67
C HIS B 146 -4.23 -6.22 -15.41
N SER B 147 -4.38 -6.28 -16.70
CA SER B 147 -3.33 -6.73 -17.59
C SER B 147 -2.11 -5.83 -17.49
N ASP B 148 -2.28 -4.60 -17.03
CA ASP B 148 -1.16 -3.67 -16.98
C ASP B 148 -0.34 -3.81 -15.72
N ILE B 149 -0.99 -4.25 -14.65
CA ILE B 149 -0.34 -4.39 -13.34
C ILE B 149 0.10 -5.81 -13.05
N ALA B 150 -0.63 -6.78 -13.61
CA ALA B 150 -0.23 -8.18 -13.50
C ALA B 150 0.15 -8.74 -14.87
N VAL B 151 1.23 -8.20 -15.41
CA VAL B 151 1.67 -8.58 -16.76
C VAL B 151 2.13 -10.05 -16.83
N GLY B 152 1.57 -10.77 -17.79
CA GLY B 152 1.81 -12.20 -17.91
C GLY B 152 0.63 -12.96 -17.35
N ARG B 153 0.21 -12.59 -16.16
CA ARG B 153 -0.83 -13.24 -15.42
C ARG B 153 -2.24 -13.01 -15.91
N LYS B 154 -2.61 -11.76 -16.15
CA LYS B 154 -3.98 -11.44 -16.48
C LYS B 154 -4.18 -10.79 -17.83
N SER B 155 -5.35 -11.00 -18.41
CA SER B 155 -5.66 -10.47 -19.72
C SER B 155 -6.88 -9.54 -19.72
N ASP B 156 -7.40 -9.16 -18.57
CA ASP B 156 -8.53 -8.25 -18.50
C ASP B 156 -8.10 -6.83 -18.41
N PRO B 157 -8.90 -5.89 -18.85
CA PRO B 157 -10.28 -6.06 -19.34
C PRO B 157 -10.36 -6.40 -20.82
N GLY B 158 -9.26 -6.76 -21.45
CA GLY B 158 -9.31 -7.17 -22.84
C GLY B 158 -9.29 -6.01 -23.81
N PRO B 159 -9.00 -6.30 -25.09
CA PRO B 159 -8.88 -5.27 -26.14
C PRO B 159 -10.21 -4.72 -26.62
N LYS B 160 -11.33 -5.14 -26.03
CA LYS B 160 -12.58 -4.51 -26.41
C LYS B 160 -12.92 -3.38 -25.45
N LEU B 161 -11.95 -3.04 -24.60
CA LEU B 161 -12.12 -1.96 -23.65
C LEU B 161 -11.77 -0.62 -24.29
N PRO B 162 -12.78 0.23 -24.52
CA PRO B 162 -12.63 1.49 -25.29
C PRO B 162 -11.86 2.59 -24.55
N TRP B 163 -10.57 2.33 -24.38
CA TRP B 163 -9.68 3.19 -23.63
C TRP B 163 -9.65 4.62 -24.13
N LYS B 164 -9.61 4.77 -25.46
CA LYS B 164 -9.51 6.08 -26.11
C LYS B 164 -10.77 6.91 -25.88
N GLU B 165 -11.91 6.26 -26.01
CA GLU B 165 -13.19 6.92 -25.72
C GLU B 165 -13.20 7.46 -24.29
N LEU B 166 -12.71 6.66 -23.35
CA LEU B 166 -12.65 7.01 -21.93
C LEU B 166 -11.80 8.26 -21.70
N TYR B 167 -10.64 8.26 -22.33
CA TYR B 167 -9.74 9.38 -22.30
C TYR B 167 -10.44 10.68 -22.72
N GLU B 168 -11.21 10.60 -23.81
CA GLU B 168 -11.91 11.77 -24.33
C GLU B 168 -12.96 12.29 -23.37
N ALA B 169 -13.43 11.40 -22.49
CA ALA B 169 -14.31 11.80 -21.39
C ALA B 169 -13.51 12.14 -20.12
N GLY B 170 -12.18 12.18 -20.22
CA GLY B 170 -11.33 12.63 -19.11
C GLY B 170 -10.77 11.51 -18.26
N ILE B 171 -10.85 10.27 -18.75
CA ILE B 171 -10.43 9.09 -18.01
C ILE B 171 -9.20 8.40 -18.63
N GLY B 172 -8.09 8.39 -17.89
CA GLY B 172 -6.92 7.68 -18.33
C GLY B 172 -6.08 8.45 -19.33
N ALA B 173 -4.92 7.87 -19.63
CA ALA B 173 -3.92 8.48 -20.49
C ALA B 173 -4.11 8.06 -21.93
N TRP B 174 -3.88 8.99 -22.86
CA TRP B 174 -3.75 8.63 -24.27
C TRP B 174 -2.80 9.59 -24.98
N TYR B 175 -2.21 9.12 -26.06
CA TYR B 175 -1.21 9.86 -26.81
C TYR B 175 -1.83 10.80 -27.83
N ASP B 176 -1.18 11.94 -28.08
CA ASP B 176 -1.55 12.79 -29.21
C ASP B 176 -1.11 12.11 -30.52
N ASP B 177 -1.96 12.22 -31.55
CA ASP B 177 -1.70 11.54 -32.82
C ASP B 177 -0.45 12.06 -33.50
N ALA B 178 -0.22 13.38 -33.38
CA ALA B 178 0.95 13.99 -34.01
C ALA B 178 2.24 13.47 -33.38
N THR B 179 2.27 13.41 -32.06
CA THR B 179 3.41 12.90 -31.33
C THR B 179 3.75 11.44 -31.71
N ARG B 180 2.73 10.59 -31.82
CA ARG B 180 2.91 9.21 -32.26
C ARG B 180 3.59 9.19 -33.61
N ASP B 181 3.11 10.03 -34.53
CA ASP B 181 3.65 10.07 -35.88
C ASP B 181 5.15 10.48 -35.91
N ARG B 182 5.53 11.38 -35.00
CA ARG B 182 6.94 11.82 -34.90
C ARG B 182 7.84 10.68 -34.47
N TYR B 183 7.40 9.96 -33.44
CA TYR B 183 8.18 8.82 -32.98
C TYR B 183 8.13 7.70 -34.00
N ARG B 184 7.05 7.67 -34.77
CA ARG B 184 6.92 6.67 -35.81
C ARG B 184 8.02 6.87 -36.84
N GLU B 185 8.14 8.07 -37.39
CA GLU B 185 9.16 8.34 -38.40
C GLU B 185 10.60 8.39 -37.86
N GLY B 186 10.80 8.84 -36.63
CA GLY B 186 12.12 8.87 -36.02
C GLY B 186 12.73 7.47 -35.87
N PHE B 187 11.88 6.47 -35.61
CA PHE B 187 12.32 5.09 -35.49
C PHE B 187 12.38 4.45 -36.86
N GLU B 188 11.49 4.86 -37.76
CA GLU B 188 11.54 4.42 -39.15
C GLU B 188 12.88 4.84 -39.79
N ARG B 189 13.40 5.98 -39.36
CA ARG B 189 14.66 6.49 -39.89
C ARG B 189 15.89 6.11 -39.06
N ASP B 190 15.80 6.23 -37.74
CA ASP B 190 16.97 5.96 -36.92
C ASP B 190 17.03 4.53 -36.40
N GLY B 191 15.95 3.78 -36.57
CA GLY B 191 15.86 2.40 -36.08
C GLY B 191 15.31 2.37 -34.67
N LEU B 192 14.74 1.24 -34.25
CA LEU B 192 14.21 1.12 -32.88
C LEU B 192 15.33 1.12 -31.82
N PRO B 193 15.01 1.52 -30.57
CA PRO B 193 15.96 1.29 -29.48
C PRO B 193 16.23 -0.19 -29.28
N PRO B 194 17.37 -0.52 -28.67
CA PRO B 194 17.63 -1.90 -28.24
C PRO B 194 16.69 -2.29 -27.10
N ARG B 195 16.51 -3.58 -26.87
CA ARG B 195 15.55 -4.03 -25.85
C ARG B 195 15.78 -3.37 -24.49
N ALA B 196 17.04 -3.13 -24.13
CA ALA B 196 17.37 -2.56 -22.83
C ALA B 196 16.74 -1.18 -22.61
N ASP B 197 16.98 -0.26 -23.54
CA ASP B 197 16.44 1.10 -23.48
C ASP B 197 14.91 1.12 -23.49
N LEU B 198 14.33 0.17 -24.22
CA LEU B 198 12.89 0.01 -24.36
C LEU B 198 12.26 -0.26 -23.01
N LEU B 199 12.83 -1.25 -22.33
CA LEU B 199 12.43 -1.64 -21.00
C LEU B 199 12.39 -0.43 -20.05
N GLU B 200 13.51 0.30 -19.98
CA GLU B 200 13.56 1.51 -19.17
C GLU B 200 12.37 2.41 -19.48
N ALA B 201 12.10 2.59 -20.78
CA ALA B 201 10.94 3.37 -21.23
C ALA B 201 9.61 2.78 -20.72
N PHE B 202 9.50 1.45 -20.73
CA PHE B 202 8.33 0.78 -20.17
C PHE B 202 8.20 0.98 -18.67
N ARG B 203 9.31 0.77 -17.96
CA ARG B 203 9.36 0.99 -16.53
C ARG B 203 9.10 2.46 -16.22
N LEU B 204 9.61 3.35 -17.07
CA LEU B 204 9.37 4.77 -16.88
C LEU B 204 7.88 5.07 -16.97
N TYR B 205 7.17 4.43 -17.90
CA TYR B 205 5.73 4.66 -18.00
C TYR B 205 5.00 4.24 -16.71
N GLY B 206 5.29 3.06 -16.20
CA GLY B 206 4.67 2.61 -14.96
C GLY B 206 4.81 1.13 -14.70
N TYR B 207 5.21 0.39 -15.73
CA TYR B 207 5.33 -1.07 -15.65
C TYR B 207 6.34 -1.56 -14.58
N ALA B 208 5.84 -2.35 -13.63
CA ALA B 208 6.68 -3.00 -12.64
C ALA B 208 7.39 -4.13 -13.37
N LEU B 209 8.68 -3.99 -13.60
CA LEU B 209 9.39 -5.03 -14.34
C LEU B 209 10.33 -5.88 -13.48
N PRO B 210 10.76 -7.05 -13.99
CA PRO B 210 11.84 -7.76 -13.29
C PRO B 210 13.20 -7.15 -13.60
N ALA B 211 14.23 -7.81 -13.07
CA ALA B 211 15.62 -7.50 -13.42
C ALA B 211 15.95 -8.27 -14.71
N THR B 212 15.66 -9.56 -14.66
CA THR B 212 15.85 -10.46 -15.78
C THR B 212 14.57 -10.53 -16.63
N VAL B 213 14.62 -10.03 -17.86
CA VAL B 213 13.46 -10.12 -18.75
C VAL B 213 13.59 -11.18 -19.85
N ASP B 214 12.74 -12.18 -19.78
CA ASP B 214 12.68 -13.28 -20.71
C ASP B 214 12.08 -12.83 -22.06
N ASP B 215 12.43 -13.53 -23.14
CA ASP B 215 11.78 -13.33 -24.45
C ASP B 215 10.29 -13.47 -24.34
N ALA B 216 9.87 -14.54 -23.66
CA ALA B 216 8.48 -14.84 -23.43
C ALA B 216 7.83 -13.68 -22.69
N TYR B 217 8.51 -13.21 -21.65
CA TYR B 217 7.98 -12.12 -20.85
C TYR B 217 7.86 -10.81 -21.65
N PHE B 218 8.93 -10.43 -22.34
CA PHE B 218 8.91 -9.22 -23.15
C PHE B 218 7.69 -9.26 -24.07
N ALA B 219 7.42 -10.45 -24.62
CA ALA B 219 6.27 -10.67 -25.50
C ALA B 219 4.96 -10.39 -24.76
N SER B 220 4.80 -10.96 -23.56
CA SER B 220 3.63 -10.68 -22.73
C SER B 220 3.52 -9.20 -22.42
N LEU B 221 4.65 -8.54 -22.18
CA LEU B 221 4.63 -7.10 -21.91
C LEU B 221 4.05 -6.36 -23.11
N LEU B 222 4.67 -6.56 -24.26
CA LEU B 222 4.20 -6.00 -25.51
C LEU B 222 2.71 -6.27 -25.64
N ARG B 223 2.31 -7.52 -25.46
CA ARG B 223 0.90 -7.92 -25.59
C ARG B 223 -0.02 -7.16 -24.64
N ALA B 224 0.40 -7.03 -23.39
CA ALA B 224 -0.43 -6.35 -22.41
C ALA B 224 -0.54 -4.88 -22.78
N PHE B 225 0.61 -4.28 -23.09
CA PHE B 225 0.64 -2.87 -23.48
C PHE B 225 -0.24 -2.64 -24.71
N GLN B 226 -0.19 -3.59 -25.63
CA GLN B 226 -0.97 -3.47 -26.85
C GLN B 226 -2.47 -3.44 -26.63
N MET B 227 -2.96 -4.36 -25.82
CA MET B 227 -4.40 -4.46 -25.59
C MET B 227 -5.02 -3.15 -25.11
N HIS B 228 -4.22 -2.35 -24.42
CA HIS B 228 -4.68 -1.09 -23.82
C HIS B 228 -4.56 0.06 -24.82
N PHE B 229 -3.48 0.06 -25.60
CA PHE B 229 -3.10 1.24 -26.36
C PHE B 229 -2.99 1.08 -27.87
N ARG B 230 -2.86 -0.16 -28.34
CA ARG B 230 -3.01 -0.43 -29.77
C ARG B 230 -3.81 -1.71 -30.03
N PRO B 231 -5.09 -1.68 -29.66
CA PRO B 231 -5.89 -2.91 -29.55
C PRO B 231 -6.04 -3.63 -30.88
N GLU B 232 -5.88 -2.90 -31.99
CA GLU B 232 -6.04 -3.47 -33.32
C GLU B 232 -4.98 -4.52 -33.68
N ASN B 233 -3.95 -4.67 -32.84
CA ASN B 233 -3.00 -5.79 -32.95
C ASN B 233 -2.16 -6.09 -31.69
N TYR B 234 -2.50 -7.17 -30.99
CA TYR B 234 -1.82 -7.52 -29.75
C TYR B 234 -1.04 -8.84 -29.86
N ASP B 235 -0.25 -8.93 -30.93
CA ASP B 235 0.72 -10.00 -31.17
C ASP B 235 1.70 -10.26 -30.02
N GLY B 236 2.20 -9.18 -29.41
CA GLY B 236 3.37 -9.29 -28.54
C GLY B 236 4.63 -9.15 -29.38
N ALA B 237 4.45 -8.82 -30.65
CA ALA B 237 5.58 -8.60 -31.53
C ALA B 237 5.96 -7.12 -31.49
N LEU B 238 7.25 -6.84 -31.38
CA LEU B 238 7.72 -5.47 -31.33
C LEU B 238 7.73 -4.90 -32.71
N ASP B 239 6.85 -3.92 -32.93
CA ASP B 239 6.83 -3.15 -34.17
C ASP B 239 6.95 -1.66 -33.87
N VAL B 240 7.25 -0.89 -34.92
CA VAL B 240 7.44 0.55 -34.82
C VAL B 240 6.27 1.29 -34.18
N GLU B 241 5.03 1.01 -34.57
CA GLU B 241 3.93 1.80 -34.01
C GLU B 241 3.84 1.62 -32.48
N THR B 242 4.03 0.38 -32.03
CA THR B 242 3.93 0.11 -30.59
C THR B 242 4.97 0.88 -29.80
N ALA B 243 6.22 0.87 -30.26
CA ALA B 243 7.23 1.65 -29.55
C ALA B 243 6.87 3.14 -29.60
N ALA B 244 6.45 3.58 -30.78
CA ALA B 244 6.13 5.00 -31.01
C ALA B 244 5.08 5.49 -30.05
N ILE B 245 4.03 4.69 -29.85
CA ILE B 245 2.97 5.02 -28.92
C ILE B 245 3.52 5.14 -27.49
N LEU B 246 4.26 4.13 -27.03
CA LEU B 246 4.96 4.17 -25.73
C LEU B 246 5.77 5.45 -25.52
N TYR B 247 6.64 5.75 -26.49
CA TYR B 247 7.52 6.91 -26.41
C TYR B 247 6.71 8.17 -26.51
N ALA B 248 5.66 8.14 -27.32
CA ALA B 248 4.74 9.28 -27.43
C ALA B 248 4.03 9.52 -26.11
N LEU B 249 3.79 8.43 -25.38
CA LEU B 249 3.08 8.47 -24.11
C LEU B 249 3.98 9.06 -23.03
N ASN B 250 5.23 8.60 -23.01
CA ASN B 250 6.21 9.10 -22.06
C ASN B 250 6.45 10.59 -22.22
N GLU B 251 6.57 11.04 -23.47
CA GLU B 251 6.67 12.46 -23.78
C GLU B 251 5.48 13.27 -23.22
N LYS B 252 4.27 12.75 -23.35
CA LYS B 252 3.09 13.52 -22.98
C LYS B 252 2.90 13.64 -21.48
N TYR B 253 3.21 12.56 -20.77
CA TYR B 253 2.96 12.46 -19.34
C TYR B 253 4.27 12.31 -18.55
N PRO B 254 5.11 13.37 -18.56
CA PRO B 254 6.43 13.13 -17.94
C PRO B 254 6.27 12.99 -16.42
N ALA B 255 6.22 11.75 -15.96
CA ALA B 255 5.98 11.49 -14.55
C ALA B 255 6.68 10.23 -14.08
C1 AH0 C 1 11.90 15.48 11.10
C2 AH0 C 1 10.82 14.93 12.06
N2 AH0 C 1 10.12 16.05 12.20
C7 AH0 C 1 8.91 15.89 12.89
O7 AH0 C 1 8.54 14.80 13.16
C8 AH0 C 1 8.08 17.06 13.30
C3 AH0 C 1 11.43 14.02 13.15
O3 AH0 C 1 11.58 12.86 12.85
C4 AH0 C 1 12.80 14.52 13.64
O4 AH0 C 1 12.59 15.52 14.64
C5 AH0 C 1 13.64 15.07 12.47
O5 AH0 C 1 12.88 16.13 11.92
C6 AH0 C 1 13.74 14.05 11.33
O6 AH0 C 1 12.62 14.41 10.50
CA AH0 C 1 10.60 11.90 13.12
CB AH0 C 1 11.03 10.61 12.55
C AH0 C 1 9.22 12.14 12.54
O AH0 C 1 8.31 12.08 13.32
N ALA C 2 8.77 12.45 11.18
CA ALA C 2 9.46 12.61 9.97
C ALA C 2 8.60 11.65 9.28
N DGL C 3 8.71 11.05 7.93
CA DGL C 3 9.72 11.27 6.98
C DGL C 3 10.43 10.05 7.19
O DGL C 3 11.35 9.85 6.45
CB DGL C 3 9.16 11.18 5.57
CG DGL C 3 7.71 11.70 5.39
CD DGL C 3 6.86 11.00 4.29
OE1 DGL C 3 6.46 9.89 4.47
OXT DGL C 3 9.81 9.54 8.10
C API C 4 5.89 9.88 1.33
CA API C 4 5.71 11.23 1.99
C3 API C 4 5.77 12.26 0.89
C4 API C 4 4.40 12.34 0.25
C5 API C 4 4.54 12.62 -1.23
C6 API C 4 3.21 12.83 -1.86
C7 API C 4 3.00 11.92 -3.01
O API C 4 4.92 9.20 1.34
O3 API C 4 2.48 12.65 -3.87
O4 API C 4 3.39 10.76 -2.81
N API C 4 6.54 11.67 3.06
N6 API C 4 3.23 14.12 -2.49
N DAL C 5 7.03 9.41 0.65
CA DAL C 5 7.03 8.12 0.05
CB DAL C 5 8.30 7.47 0.44
C DAL C 5 6.83 8.04 -1.46
O DAL C 5 6.61 9.04 -2.11
N DAL C 6 6.91 6.74 -2.14
CA DAL C 6 6.69 6.38 -3.52
CB DAL C 6 6.27 4.92 -3.53
C DAL C 6 7.77 6.36 -4.55
O DAL C 6 8.89 5.99 -4.07
OXT DAL C 6 7.22 6.66 -5.63
C1 AH0 D 1 -11.91 -15.72 -10.75
C2 AH0 D 1 -12.25 -14.34 -11.35
N2 AH0 D 1 -13.49 -14.47 -10.89
C7 AH0 D 1 -14.27 -13.30 -10.95
O7 AH0 D 1 -13.79 -12.24 -11.23
C8 AH0 D 1 -15.74 -13.36 -10.66
C3 AH0 D 1 -11.88 -14.25 -12.83
O3 AH0 D 1 -10.73 -13.93 -12.99
C4 AH0 D 1 -12.13 -15.57 -13.58
O4 AH0 D 1 -13.51 -15.62 -13.97
C5 AH0 D 1 -11.76 -16.79 -12.72
O5 AH0 D 1 -12.57 -16.70 -11.55
C6 AH0 D 1 -10.33 -16.68 -12.17
O6 AH0 D 1 -10.52 -16.01 -10.91
CA AH0 D 1 -10.66 -12.60 -13.37
CB AH0 D 1 -9.58 -12.51 -14.37
C AH0 D 1 -10.39 -11.59 -12.26
O AH0 D 1 -10.75 -10.48 -12.46
N ALA D 2 -9.75 -11.70 -10.96
CA ALA D 2 -9.17 -12.77 -10.25
C ALA D 2 -9.16 -12.02 -8.94
N DGL D 3 -8.06 -11.83 -7.94
CA DGL D 3 -6.72 -12.37 -7.87
C DGL D 3 -5.84 -11.78 -8.86
O DGL D 3 -6.47 -10.90 -9.36
CB DGL D 3 -6.08 -12.06 -6.51
CG DGL D 3 -7.02 -11.52 -5.40
CD DGL D 3 -6.16 -11.00 -4.25
OE1 DGL D 3 -5.91 -9.85 -4.21
OE2 DGL D 3 -4.73 -12.31 -8.87
C API D 4 -5.59 -11.59 -0.82
CA API D 4 -4.81 -11.56 -2.10
C3 API D 4 -4.01 -10.28 -2.16
C4 API D 4 -2.62 -10.65 -2.63
C5 API D 4 -1.63 -10.27 -1.57
C6 API D 4 -1.96 -10.88 -0.26
C7 API D 4 -1.21 -10.12 0.81
O API D 4 -6.59 -11.00 -0.79
O3 API D 4 -0.01 -10.34 0.60
O4 API D 4 -1.96 -9.49 1.62
N API D 4 -5.64 -11.87 -3.24
N6 API D 4 -1.49 -12.22 -0.22
N DAL D 5 -5.07 -12.26 0.30
CA DAL D 5 -5.64 -12.48 1.60
CB DAL D 5 -7.06 -12.80 1.31
C DAL D 5 -5.51 -11.56 2.83
O DAL D 5 -4.91 -10.52 2.92
N DAL D 6 -6.20 -12.14 3.97
CA DAL D 6 -6.27 -11.60 5.28
CB DAL D 6 -4.92 -11.78 5.96
C DAL D 6 -7.26 -12.43 6.05
O DAL D 6 -7.32 -12.09 7.27
OXT DAL D 6 -7.77 -13.28 5.28
C ACT E . -35.42 -5.17 -3.92
O ACT E . -35.12 -5.98 -2.94
OXT ACT E . -36.17 -5.66 -4.85
CH3 ACT E . -34.96 -3.69 -3.97
C ACT F . -6.75 26.20 19.51
O ACT F . -6.85 26.27 18.22
OXT ACT F . -7.84 25.98 20.17
CH3 ACT F . -5.43 26.36 20.25
C ACT G . -4.57 -10.12 -32.65
O ACT G . -3.85 -9.05 -32.58
OXT ACT G . -5.69 -10.06 -33.32
CH3 ACT G . -4.12 -11.39 -31.95
C1 PEG H . -15.75 10.57 -0.71
O1 PEG H . -14.35 10.71 -0.79
C2 PEG H . -16.12 9.09 -0.64
O2 PEG H . -17.49 8.85 -1.07
C3 PEG H . -18.20 7.83 -0.37
C4 PEG H . -19.59 7.65 -0.92
O4 PEG H . -20.55 7.79 0.03
C1 PEG I . -33.58 -1.16 -20.11
O1 PEG I . -34.89 -0.65 -20.03
C2 PEG I . -33.37 -1.83 -21.45
O2 PEG I . -32.52 -2.99 -21.30
C3 PEG I . -32.81 -4.05 -22.20
C4 PEG I . -32.77 -5.36 -21.44
O4 PEG I . -33.47 -6.31 -22.11
#